data_7O2B
#
_entry.id   7O2B
#
_cell.length_a   62.024
_cell.length_b   66.171
_cell.length_c   107.471
_cell.angle_alpha   90.000
_cell.angle_beta   90.000
_cell.angle_gamma   90.000
#
_symmetry.space_group_name_H-M   'P 21 21 21'
#
loop_
_entity.id
_entity.type
_entity.pdbx_description
1 polymer 'Histone-lysine N-methyltransferase SMYD3'
2 non-polymer (2S)-N-butyl-1-(2-fluorophenyl)carbonyl-2-methyl-4-oxidanylidene-3,5-dihydro-2H-1,5-benzodiazepine-7-carboxamide
3 non-polymer 'ZINC ION'
4 non-polymer S-ADENOSYLMETHIONINE
5 water water
#
_entity_poly.entity_id   1
_entity_poly.type   'polypeptide(L)'
_entity_poly.pdbx_seq_one_letter_code
;MEPLKVEKFATANRGNGLRAVTPLRPGELLFRSDPLAYTVCKGSRGVVCDRCLLGKEKLMRCSQCRVAKYCSAKCQKKAW
PDHKRECKCLKSCKPRYPPDSVRLLGRVVFKLMDGAPSESEKLYSFYDLESNINKLTEDRKEGLRQLVMTFQHFMREEIQ
DASQLPPAFDLFEAFAKVICNSFTICNAEMQEVGVGLYPSISLLNHSCDPNCSIVFNGPHLLLRAVRDIEVGEELTICYL
DMLMTSEERRKQLRDQYCFECDCFRCQTQDKDADMLTGDEQVWKEVQESLKKIEELKAHWKWEQVLAMCQAIISSNSERL
PDINIYQLKVLDCAMDACINLGLLEEALFYGTRTMEPYRIFFPGSHPVRGVQVMKVGKLQLHQGMFPQAMKNLRLAFDIM
RVTHGREHSLIEDLILLLEECDANIRAS
;
_entity_poly.pdbx_strand_id   A
#
# COMPACT_ATOMS: atom_id res chain seq x y z
N GLU A 2 25.15 11.15 -2.84
CA GLU A 2 25.23 12.64 -2.91
C GLU A 2 24.67 13.32 -1.64
N PRO A 3 24.72 14.66 -1.59
CA PRO A 3 23.67 15.32 -0.81
C PRO A 3 22.28 15.01 -1.42
N LEU A 4 21.25 15.67 -0.94
CA LEU A 4 19.90 15.26 -1.31
C LEU A 4 19.44 15.74 -2.71
N LYS A 5 18.63 14.91 -3.35
CA LYS A 5 18.01 15.26 -4.58
C LYS A 5 16.67 15.98 -4.33
N VAL A 6 16.24 16.05 -3.08
CA VAL A 6 14.92 16.60 -2.75
C VAL A 6 15.05 17.56 -1.61
N GLU A 7 14.14 18.52 -1.53
CA GLU A 7 14.10 19.43 -0.42
C GLU A 7 12.64 19.81 -0.13
N LYS A 8 12.36 19.98 1.16
CA LYS A 8 11.09 20.57 1.62
C LYS A 8 11.00 22.01 1.16
N PHE A 9 9.80 22.43 0.74
CA PHE A 9 9.49 23.88 0.48
C PHE A 9 8.03 24.15 0.83
N ALA A 10 7.65 25.41 0.76
CA ALA A 10 6.29 25.85 1.12
C ALA A 10 5.60 26.10 -0.21
N THR A 11 4.54 25.35 -0.50
CA THR A 11 3.81 25.50 -1.72
C THR A 11 2.84 26.70 -1.59
N ALA A 12 2.35 27.16 -2.72
CA ALA A 12 1.40 28.27 -2.79
C ALA A 12 0.03 27.92 -2.24
N ASN A 13 -0.45 26.71 -2.52
CA ASN A 13 -1.78 26.36 -2.05
C ASN A 13 -1.97 24.95 -1.54
N ARG A 14 -0.88 24.22 -1.25
CA ARG A 14 -1.09 22.90 -0.70
C ARG A 14 -0.10 22.57 0.43
N GLY A 15 0.04 23.54 1.34
CA GLY A 15 0.92 23.47 2.47
C GLY A 15 2.33 23.21 2.02
N ASN A 16 3.03 22.38 2.75
CA ASN A 16 4.41 22.04 2.44
C ASN A 16 4.44 20.93 1.43
N GLY A 17 5.57 20.78 0.73
CA GLY A 17 5.74 19.88 -0.40
C GLY A 17 7.22 19.49 -0.50
N LEU A 18 7.52 18.58 -1.41
CA LEU A 18 8.89 18.28 -1.76
C LEU A 18 9.09 18.68 -3.19
N ARG A 19 10.29 19.14 -3.48
CA ARG A 19 10.67 19.55 -4.83
C ARG A 19 12.13 19.11 -5.13
N ALA A 20 12.42 18.95 -6.42
CA ALA A 20 13.70 18.48 -6.91
C ALA A 20 14.72 19.56 -6.73
N VAL A 21 15.86 19.17 -6.18
CA VAL A 21 17.05 20.05 -6.06
C VAL A 21 17.84 19.99 -7.36
N THR A 22 17.84 18.84 -8.05
CA THR A 22 18.61 18.63 -9.28
C THR A 22 17.68 17.95 -10.29
N PRO A 23 17.99 18.02 -11.61
CA PRO A 23 17.09 17.35 -12.54
C PRO A 23 17.07 15.86 -12.25
N LEU A 24 15.93 15.23 -12.49
CA LEU A 24 15.81 13.82 -12.17
C LEU A 24 15.32 13.05 -13.37
N ARG A 25 15.76 11.81 -13.46
CA ARG A 25 15.36 10.96 -14.58
C ARG A 25 14.50 9.84 -14.05
N PRO A 26 13.72 9.20 -14.93
CA PRO A 26 12.96 8.02 -14.53
C PRO A 26 13.82 6.99 -13.85
N GLY A 27 13.42 6.58 -12.65
CA GLY A 27 13.98 5.43 -12.01
C GLY A 27 14.98 5.79 -10.95
N GLU A 28 15.43 7.03 -10.98
CA GLU A 28 16.33 7.53 -9.99
C GLU A 28 15.68 7.42 -8.60
N LEU A 29 16.45 6.86 -7.68
CA LEU A 29 16.14 6.81 -6.29
C LEU A 29 16.28 8.15 -5.61
N LEU A 30 15.17 8.64 -5.04
CA LEU A 30 15.11 9.98 -4.47
C LEU A 30 15.27 9.99 -2.98
N PHE A 31 14.78 8.97 -2.30
CA PHE A 31 14.78 8.94 -0.84
C PHE A 31 14.43 7.57 -0.44
N ARG A 32 14.88 7.17 0.75
CA ARG A 32 14.49 5.89 1.33
C ARG A 32 14.35 6.05 2.86
N SER A 33 13.42 5.31 3.41
CA SER A 33 13.07 5.49 4.81
C SER A 33 12.50 4.22 5.38
N ASP A 34 12.95 3.87 6.59
CA ASP A 34 12.19 2.98 7.49
C ASP A 34 11.08 3.80 8.14
N PRO A 35 10.07 3.13 8.70
CA PRO A 35 9.00 3.85 9.38
C PRO A 35 9.47 4.50 10.71
N LEU A 36 8.82 5.57 11.10
CA LEU A 36 8.81 5.99 12.45
C LEU A 36 8.14 4.94 13.29
N ALA A 37 7.00 4.48 12.82
CA ALA A 37 6.26 3.46 13.46
C ALA A 37 5.43 2.77 12.41
N TYR A 38 5.17 1.50 12.66
CA TYR A 38 4.34 0.67 11.77
C TYR A 38 3.77 -0.54 12.52
N THR A 39 2.72 -1.12 11.98
CA THR A 39 2.11 -2.29 12.50
C THR A 39 1.56 -3.13 11.36
N VAL A 40 1.53 -4.43 11.57
CA VAL A 40 0.84 -5.33 10.65
C VAL A 40 -0.65 -4.96 10.68
N CYS A 41 -1.32 -5.09 9.54
CA CYS A 41 -2.77 -4.93 9.38
C CYS A 41 -3.60 -6.00 10.03
N LYS A 42 -4.77 -5.59 10.49
CA LYS A 42 -5.80 -6.48 11.02
C LYS A 42 -5.84 -7.85 10.31
N GLY A 43 -6.12 -7.86 9.01
CA GLY A 43 -6.35 -9.08 8.29
C GLY A 43 -5.12 -9.92 8.00
N SER A 44 -3.93 -9.34 8.05
CA SER A 44 -2.69 -10.14 7.93
C SER A 44 -2.01 -10.54 9.29
N ARG A 45 -2.66 -10.25 10.41
CA ARG A 45 -2.11 -10.63 11.72
C ARG A 45 -1.99 -12.16 11.82
N GLY A 46 -0.79 -12.63 12.12
CA GLY A 46 -0.55 -14.06 12.24
C GLY A 46 -0.43 -14.78 10.91
N VAL A 47 -0.57 -14.03 9.82
CA VAL A 47 -0.32 -14.57 8.53
C VAL A 47 1.04 -14.07 8.05
N VAL A 48 1.45 -12.87 8.49
CA VAL A 48 2.81 -12.42 8.23
C VAL A 48 3.59 -12.10 9.51
N CYS A 49 4.91 -12.22 9.41
CA CYS A 49 5.82 -11.83 10.47
C CYS A 49 5.50 -10.40 10.86
N ASP A 50 5.20 -10.21 12.13
CA ASP A 50 4.94 -8.90 12.72
C ASP A 50 6.00 -7.93 12.47
N ARG A 51 7.24 -8.39 12.32
CA ARG A 51 8.31 -7.45 12.09
C ARG A 51 8.65 -7.25 10.61
N CYS A 52 9.11 -8.29 9.88
CA CYS A 52 9.62 -8.05 8.51
C CYS A 52 8.48 -8.05 7.47
N LEU A 53 7.29 -8.47 7.91
CA LEU A 53 6.06 -8.45 7.07
C LEU A 53 6.14 -9.44 5.88
N LEU A 54 6.96 -10.48 6.04
CA LEU A 54 7.05 -11.58 5.10
C LEU A 54 6.10 -12.67 5.54
N GLY A 55 5.55 -13.40 4.56
CA GLY A 55 4.57 -14.45 4.81
C GLY A 55 5.28 -15.74 5.11
N LYS A 56 4.57 -16.65 5.74
CA LYS A 56 5.03 -18.03 5.97
C LYS A 56 3.95 -18.86 6.64
N GLU A 57 4.05 -20.19 6.44
CA GLU A 57 3.30 -21.19 7.18
C GLU A 57 4.07 -21.50 8.46
N LYS A 58 5.40 -21.30 8.42
CA LYS A 58 6.26 -21.40 9.59
C LYS A 58 6.30 -20.09 10.40
N LEU A 59 5.36 -19.90 11.34
CA LEU A 59 5.31 -18.68 12.24
C LEU A 59 5.17 -18.93 13.76
N MET A 60 6.23 -18.67 14.52
CA MET A 60 6.24 -18.81 15.98
C MET A 60 5.61 -17.55 16.60
N ARG A 61 5.20 -17.60 17.87
CA ARG A 61 4.37 -16.54 18.43
C ARG A 61 4.53 -16.20 19.92
N CYS A 62 4.41 -14.91 20.23
CA CYS A 62 4.66 -14.40 21.57
C CYS A 62 3.69 -14.97 22.59
N SER A 63 4.18 -15.86 23.44
CA SER A 63 3.34 -16.46 24.50
C SER A 63 2.94 -15.45 25.62
N GLN A 64 3.72 -14.38 25.81
CA GLN A 64 3.37 -13.27 26.73
C GLN A 64 2.00 -12.65 26.36
N CYS A 65 1.94 -11.96 25.24
CA CYS A 65 0.68 -11.39 24.76
C CYS A 65 -0.10 -12.39 23.92
N ARG A 66 0.62 -13.19 23.14
CA ARG A 66 0.02 -14.20 22.26
C ARG A 66 -0.72 -13.59 21.09
N VAL A 67 -0.33 -12.38 20.69
CA VAL A 67 -0.96 -11.63 19.58
C VAL A 67 0.05 -11.45 18.40
N ALA A 68 1.30 -11.14 18.77
CA ALA A 68 2.44 -11.07 17.85
C ALA A 68 2.85 -12.44 17.32
N LYS A 69 3.12 -12.53 16.01
CA LYS A 69 3.65 -13.74 15.42
C LYS A 69 4.89 -13.35 14.67
N TYR A 70 5.81 -14.31 14.43
CA TYR A 70 7.10 -13.99 13.83
C TYR A 70 7.70 -15.11 13.02
N CYS A 71 8.56 -14.73 12.08
CA CYS A 71 9.11 -15.65 11.12
C CYS A 71 10.35 -16.34 11.68
N SER A 72 10.94 -15.76 12.71
CA SER A 72 12.24 -16.15 13.13
C SER A 72 12.47 -15.63 14.53
N ALA A 73 13.41 -16.30 15.20
CA ALA A 73 13.87 -15.88 16.52
C ALA A 73 14.44 -14.48 16.41
N LYS A 74 15.19 -14.23 15.35
CA LYS A 74 15.78 -12.93 15.13
C LYS A 74 14.68 -11.83 15.07
N CYS A 75 13.56 -12.11 14.41
CA CYS A 75 12.46 -11.14 14.26
C CYS A 75 11.67 -10.94 15.53
N GLN A 76 11.39 -12.03 16.24
CA GLN A 76 10.77 -11.91 17.56
C GLN A 76 11.64 -11.04 18.50
N LYS A 77 12.92 -11.36 18.62
CA LYS A 77 13.76 -10.60 19.54
C LYS A 77 13.86 -9.13 19.13
N LYS A 78 14.10 -8.82 17.86
CA LYS A 78 14.24 -7.42 17.43
C LYS A 78 12.98 -6.60 17.61
N ALA A 79 11.84 -7.26 17.55
CA ALA A 79 10.59 -6.58 17.70
C ALA A 79 10.23 -6.43 19.17
N TRP A 80 11.13 -6.82 20.08
CA TRP A 80 10.79 -6.72 21.48
C TRP A 80 10.85 -5.26 21.92
N PRO A 81 11.95 -4.53 21.61
CA PRO A 81 11.95 -3.15 22.15
C PRO A 81 10.67 -2.38 21.79
N ASP A 82 10.29 -2.40 20.52
CA ASP A 82 9.06 -1.71 20.06
C ASP A 82 7.75 -2.45 20.37
N HIS A 83 7.84 -3.60 21.04
CA HIS A 83 6.64 -4.37 21.38
C HIS A 83 6.58 -4.72 22.87
N LYS A 84 7.48 -4.11 23.63
CA LYS A 84 7.63 -4.37 25.06
C LYS A 84 6.49 -3.68 25.82
N ARG A 85 6.31 -2.41 25.48
CA ARG A 85 5.32 -1.55 26.09
C ARG A 85 3.91 -1.87 25.60
N GLU A 86 3.78 -2.18 24.32
CA GLU A 86 2.46 -2.47 23.79
C GLU A 86 2.07 -3.87 24.23
N CYS A 87 3.06 -4.68 24.56
CA CYS A 87 2.85 -6.07 24.93
C CYS A 87 1.68 -6.32 25.93
N LYS A 88 1.69 -5.50 26.97
CA LYS A 88 0.85 -5.69 28.17
C LYS A 88 -0.57 -5.26 27.80
N CYS A 89 -0.63 -4.06 27.25
CA CYS A 89 -1.84 -3.43 26.73
C CYS A 89 -2.65 -4.33 25.77
N LEU A 90 -1.93 -5.17 25.00
CA LEU A 90 -2.49 -6.06 23.96
C LEU A 90 -3.18 -7.29 24.53
N LYS A 91 -2.44 -7.96 25.40
CA LYS A 91 -2.97 -9.08 26.13
C LYS A 91 -4.16 -8.55 26.93
N SER A 92 -3.93 -7.45 27.64
CA SER A 92 -4.93 -6.83 28.53
C SER A 92 -6.28 -6.40 27.88
N CYS A 93 -6.50 -6.66 26.59
CA CYS A 93 -7.75 -6.29 25.94
C CYS A 93 -8.21 -7.30 24.89
N LYS A 94 -7.88 -8.58 25.07
CA LYS A 94 -8.22 -9.67 24.12
C LYS A 94 -9.55 -10.36 24.50
N PRO A 95 -10.43 -10.71 23.52
CA PRO A 95 -10.44 -10.47 22.07
C PRO A 95 -11.48 -9.43 21.55
N ARG A 96 -11.28 -8.16 21.89
CA ARG A 96 -11.84 -7.02 21.12
C ARG A 96 -10.62 -6.16 20.83
N TYR A 97 -10.05 -6.33 19.64
CA TYR A 97 -8.71 -5.83 19.32
C TYR A 97 -8.83 -4.39 18.82
N PRO A 98 -7.86 -3.53 19.11
CA PRO A 98 -8.07 -2.15 18.69
C PRO A 98 -7.86 -1.90 17.17
N PRO A 99 -8.46 -0.84 16.66
CA PRO A 99 -8.27 -0.53 15.23
C PRO A 99 -6.80 -0.27 14.96
N ASP A 100 -6.38 -0.46 13.71
CA ASP A 100 -4.98 -0.37 13.37
C ASP A 100 -4.43 1.02 13.73
N SER A 101 -5.27 2.03 13.57
CA SER A 101 -4.81 3.39 13.75
C SER A 101 -4.40 3.62 15.20
N VAL A 102 -5.15 3.00 16.12
CA VAL A 102 -4.84 3.08 17.54
C VAL A 102 -3.51 2.37 17.91
N ARG A 103 -3.32 1.13 17.40
CA ARG A 103 -2.06 0.41 17.62
C ARG A 103 -0.89 1.18 17.02
N LEU A 104 -1.10 1.67 15.81
CA LEU A 104 -0.09 2.49 15.20
C LEU A 104 0.34 3.70 16.08
N LEU A 105 -0.63 4.48 16.54
CA LEU A 105 -0.33 5.63 17.39
C LEU A 105 0.34 5.21 18.70
N GLY A 106 -0.06 4.10 19.28
CA GLY A 106 0.66 3.59 20.48
C GLY A 106 2.16 3.46 20.17
N ARG A 107 2.47 2.89 19.02
CA ARG A 107 3.89 2.74 18.71
C ARG A 107 4.58 4.03 18.46
N VAL A 108 3.86 5.00 17.91
CA VAL A 108 4.40 6.32 17.74
C VAL A 108 4.80 6.91 19.05
N VAL A 109 3.87 6.87 19.99
CA VAL A 109 4.14 7.42 21.31
C VAL A 109 5.29 6.74 22.03
N PHE A 110 5.32 5.40 22.02
CA PHE A 110 6.44 4.71 22.67
C PHE A 110 7.73 5.20 22.05
N LYS A 111 7.77 5.22 20.73
CA LYS A 111 8.96 5.65 19.98
C LYS A 111 9.38 7.09 20.24
N LEU A 112 8.45 8.00 20.49
CA LEU A 112 8.85 9.38 20.71
C LEU A 112 9.36 9.57 22.14
N MET A 113 8.76 8.86 23.08
CA MET A 113 9.22 8.84 24.48
C MET A 113 10.62 8.23 24.64
N ASP A 114 10.78 7.01 24.15
CA ASP A 114 11.86 6.12 24.53
C ASP A 114 12.97 5.97 23.51
N GLY A 115 12.73 6.39 22.26
CA GLY A 115 13.68 6.18 21.16
C GLY A 115 14.58 7.39 20.93
N ALA A 116 15.77 7.14 20.36
CA ALA A 116 16.61 8.24 19.89
C ALA A 116 15.92 8.95 18.71
N PRO A 117 16.32 10.19 18.40
CA PRO A 117 15.64 10.72 17.22
C PRO A 117 15.68 9.76 16.04
N SER A 118 14.61 9.78 15.25
CA SER A 118 14.45 8.76 14.22
C SER A 118 14.93 9.27 12.88
N GLU A 119 15.63 8.43 12.12
CA GLU A 119 16.09 8.82 10.79
C GLU A 119 14.94 9.12 9.81
N SER A 120 13.76 8.59 10.13
CA SER A 120 12.56 8.78 9.30
C SER A 120 12.02 10.17 9.36
N GLU A 121 12.48 10.95 10.35
CA GLU A 121 11.98 12.28 10.57
C GLU A 121 12.99 13.33 10.16
N LYS A 122 13.97 12.93 9.39
CA LYS A 122 14.98 13.88 8.84
C LYS A 122 14.45 15.16 8.21
N LEU A 123 13.51 15.05 7.26
CA LEU A 123 13.00 16.24 6.55
C LEU A 123 11.78 16.86 7.17
N TYR A 124 11.13 16.11 8.04
CA TYR A 124 9.81 16.48 8.56
C TYR A 124 9.54 15.49 9.66
N SER A 125 8.97 15.96 10.75
CA SER A 125 8.76 15.14 11.93
C SER A 125 7.28 14.93 12.14
N PHE A 126 6.96 13.93 12.95
CA PHE A 126 5.60 13.75 13.43
C PHE A 126 4.97 15.09 13.90
N TYR A 127 5.70 15.86 14.69
CA TYR A 127 5.21 17.13 15.20
C TYR A 127 4.78 18.06 14.06
N ASP A 128 5.53 18.06 12.95
CA ASP A 128 5.23 18.95 11.82
C ASP A 128 4.05 18.47 10.94
N LEU A 129 3.63 17.23 11.06
CA LEU A 129 2.69 16.68 10.08
C LEU A 129 1.39 17.51 9.97
N GLU A 130 0.79 17.48 8.79
CA GLU A 130 -0.45 18.16 8.57
C GLU A 130 -1.61 17.47 9.32
N SER A 131 -2.44 18.24 9.99
CA SER A 131 -3.65 17.70 10.64
C SER A 131 -4.98 18.09 9.98
N ASN A 132 -4.98 19.10 9.11
CA ASN A 132 -6.23 19.65 8.52
C ASN A 132 -7.27 19.94 9.57
N ILE A 133 -6.89 20.42 10.75
CA ILE A 133 -7.91 20.49 11.79
C ILE A 133 -9.02 21.48 11.44
N ASN A 134 -8.69 22.55 10.75
CA ASN A 134 -9.76 23.56 10.46
C ASN A 134 -10.67 23.17 9.28
N LYS A 135 -10.43 21.98 8.71
CA LYS A 135 -11.24 21.48 7.62
C LYS A 135 -12.03 20.31 7.99
N LEU A 136 -11.78 19.72 9.16
CA LEU A 136 -12.49 18.54 9.59
C LEU A 136 -14.00 18.83 9.76
N THR A 137 -14.81 17.91 9.25
CA THR A 137 -16.26 17.96 9.43
C THR A 137 -16.62 17.51 10.86
N GLU A 138 -17.79 17.89 11.37
CA GLU A 138 -18.20 17.52 12.70
C GLU A 138 -18.26 16.00 12.82
N ASP A 139 -18.73 15.33 11.78
CA ASP A 139 -18.74 13.87 11.72
C ASP A 139 -17.33 13.27 11.86
N ARG A 140 -16.37 13.82 11.15
CA ARG A 140 -14.99 13.38 11.31
C ARG A 140 -14.52 13.58 12.77
N LYS A 141 -14.85 14.73 13.37
CA LYS A 141 -14.43 14.99 14.75
C LYS A 141 -15.02 13.99 15.75
N GLU A 142 -16.29 13.64 15.60
CA GLU A 142 -16.90 12.62 16.46
C GLU A 142 -16.06 11.33 16.34
N GLY A 143 -15.70 10.98 15.10
CA GLY A 143 -14.96 9.80 14.82
C GLY A 143 -13.60 9.81 15.50
N LEU A 144 -12.92 10.96 15.49
CA LEU A 144 -11.64 11.08 16.18
C LEU A 144 -11.74 11.07 17.68
N ARG A 145 -12.84 11.57 18.23
CA ARG A 145 -13.07 11.52 19.66
C ARG A 145 -13.16 10.08 20.11
N GLN A 146 -13.79 9.24 19.30
CA GLN A 146 -14.03 7.86 19.64
C GLN A 146 -12.68 7.14 19.56
N LEU A 147 -11.81 7.54 18.63
CA LEU A 147 -10.47 6.98 18.54
C LEU A 147 -9.63 7.35 19.76
N VAL A 148 -9.76 8.60 20.23
CA VAL A 148 -9.05 9.09 21.41
C VAL A 148 -9.46 8.29 22.64
N MET A 149 -10.75 8.01 22.75
CA MET A 149 -11.23 7.25 23.90
C MET A 149 -10.80 5.82 23.77
N THR A 150 -10.74 5.26 22.56
CA THR A 150 -10.26 3.90 22.37
C THR A 150 -8.77 3.80 22.76
N PHE A 151 -8.03 4.82 22.40
CA PHE A 151 -6.62 4.87 22.75
C PHE A 151 -6.44 4.94 24.26
N GLN A 152 -7.15 5.82 24.94
CA GLN A 152 -6.97 5.93 26.42
C GLN A 152 -7.27 4.62 27.15
N HIS A 153 -8.29 3.92 26.69
CA HIS A 153 -8.62 2.57 27.16
C HIS A 153 -7.49 1.54 26.89
N PHE A 154 -7.16 1.28 25.63
CA PHE A 154 -6.09 0.34 25.22
CA PHE A 154 -6.16 0.28 25.35
C PHE A 154 -4.80 0.66 25.94
N MET A 155 -4.51 1.94 26.13
CA MET A 155 -3.19 2.32 26.69
C MET A 155 -3.17 2.52 28.18
N ARG A 156 -4.22 2.13 28.88
CA ARG A 156 -4.35 2.50 30.30
C ARG A 156 -3.14 2.04 31.15
N GLU A 157 -2.67 0.81 30.92
CA GLU A 157 -1.53 0.27 31.70
C GLU A 157 -0.32 1.19 31.58
N GLU A 158 0.20 1.34 30.37
CA GLU A 158 1.43 2.12 30.13
C GLU A 158 1.27 3.64 30.19
N ILE A 159 0.04 4.14 30.06
CA ILE A 159 -0.20 5.58 29.96
C ILE A 159 -1.49 5.97 30.70
N GLN A 160 -1.31 6.72 31.78
CA GLN A 160 -2.42 7.24 32.60
C GLN A 160 -2.57 8.77 32.44
N ASP A 161 -1.52 9.46 31.98
CA ASP A 161 -1.52 10.93 31.94
C ASP A 161 -0.46 11.51 30.97
N ALA A 162 -0.39 12.84 30.95
CA ALA A 162 0.41 13.59 29.98
C ALA A 162 1.95 13.58 30.19
N SER A 163 2.44 13.36 31.41
CA SER A 163 3.90 13.22 31.62
C SER A 163 4.47 11.96 30.97
N GLN A 164 3.64 10.93 30.80
CA GLN A 164 4.01 9.71 30.06
C GLN A 164 3.91 9.88 28.52
N LEU A 165 3.11 10.86 28.07
CA LEU A 165 3.09 11.29 26.66
C LEU A 165 4.12 12.45 26.45
N PRO A 166 4.50 12.71 25.18
CA PRO A 166 5.45 13.81 24.93
C PRO A 166 4.90 15.21 25.28
N PRO A 167 5.70 16.22 25.15
CA PRO A 167 5.50 17.65 25.43
C PRO A 167 4.22 18.25 24.84
N ALA A 168 3.16 18.37 25.63
CA ALA A 168 1.83 18.94 25.25
C ALA A 168 0.90 18.14 24.30
N PHE A 169 1.46 17.11 23.66
CA PHE A 169 0.87 16.10 22.77
C PHE A 169 -0.60 15.94 22.97
N ASP A 170 -1.32 16.28 21.93
CA ASP A 170 -2.74 16.23 21.91
C ASP A 170 -3.12 15.03 21.08
N LEU A 171 -3.89 14.13 21.66
CA LEU A 171 -4.25 12.87 21.04
C LEU A 171 -5.26 13.06 19.92
N PHE A 172 -6.14 14.05 20.06
CA PHE A 172 -7.07 14.36 18.98
C PHE A 172 -6.31 14.78 17.70
N GLU A 173 -5.43 15.75 17.84
CA GLU A 173 -4.55 16.18 16.78
C GLU A 173 -3.65 15.05 16.26
N ALA A 174 -3.12 14.20 17.12
CA ALA A 174 -2.29 13.12 16.62
C ALA A 174 -3.11 12.15 15.73
N PHE A 175 -4.33 11.80 16.11
CA PHE A 175 -5.18 11.00 15.22
C PHE A 175 -5.52 11.74 13.93
N ALA A 176 -5.63 13.07 13.99
CA ALA A 176 -5.88 13.86 12.77
C ALA A 176 -4.71 13.72 11.79
N LYS A 177 -3.51 13.75 12.35
CA LYS A 177 -2.31 13.54 11.57
C LYS A 177 -2.27 12.18 10.96
N VAL A 178 -2.62 11.18 11.75
CA VAL A 178 -2.59 9.80 11.28
C VAL A 178 -3.54 9.58 10.07
N ILE A 179 -4.73 10.15 10.13
CA ILE A 179 -5.74 9.96 9.11
C ILE A 179 -5.19 10.35 7.72
N CYS A 180 -4.49 11.48 7.64
CA CYS A 180 -4.02 11.96 6.37
C CYS A 180 -2.51 11.78 6.14
N ASN A 181 -1.84 11.00 6.97
CA ASN A 181 -0.40 10.66 6.76
C ASN A 181 -0.06 9.17 6.90
N SER A 182 -1.07 8.31 6.90
CA SER A 182 -0.82 6.88 6.97
C SER A 182 -0.51 6.30 5.62
N PHE A 183 0.61 5.61 5.54
CA PHE A 183 1.00 4.86 4.38
C PHE A 183 0.54 3.40 4.44
N THR A 184 -0.14 2.91 3.40
CA THR A 184 -0.39 1.51 3.29
C THR A 184 0.84 0.72 2.74
N ILE A 185 1.29 -0.28 3.50
CA ILE A 185 2.51 -1.04 3.16
C ILE A 185 1.98 -2.30 2.46
N CYS A 186 2.38 -2.49 1.21
CA CYS A 186 2.12 -3.74 0.52
C CYS A 186 3.36 -4.62 0.40
N ASN A 187 3.16 -5.92 0.34
CA ASN A 187 4.28 -6.84 0.16
C ASN A 187 4.70 -6.89 -1.30
N ALA A 188 5.67 -7.74 -1.60
CA ALA A 188 6.21 -7.81 -2.95
C ALA A 188 5.17 -8.15 -4.02
N GLU A 189 4.12 -8.84 -3.62
CA GLU A 189 3.03 -9.22 -4.52
C GLU A 189 1.89 -8.20 -4.57
N MET A 190 2.12 -7.01 -4.02
CA MET A 190 1.14 -5.93 -3.90
C MET A 190 -0.11 -6.15 -3.06
N GLN A 191 -0.09 -7.13 -2.19
CA GLN A 191 -1.12 -7.35 -1.15
C GLN A 191 -0.85 -6.40 0.06
N GLU A 192 -1.92 -5.82 0.60
CA GLU A 192 -1.79 -4.94 1.76
C GLU A 192 -1.47 -5.78 2.97
N VAL A 193 -0.37 -5.45 3.64
CA VAL A 193 0.00 -6.13 4.85
C VAL A 193 0.19 -5.24 6.07
N GLY A 194 0.32 -3.93 5.90
CA GLY A 194 0.66 -3.09 7.00
C GLY A 194 0.33 -1.62 6.80
N VAL A 195 0.60 -0.83 7.84
CA VAL A 195 0.36 0.56 7.89
C VAL A 195 1.50 1.23 8.67
N GLY A 196 2.08 2.28 8.14
CA GLY A 196 3.13 2.99 8.83
C GLY A 196 3.11 4.50 8.69
N LEU A 197 3.90 5.17 9.53
CA LEU A 197 4.16 6.60 9.33
C LEU A 197 5.58 6.79 8.88
N TYR A 198 5.77 7.68 7.89
CA TYR A 198 7.08 7.97 7.31
C TYR A 198 7.13 9.49 7.15
N PRO A 199 7.52 10.23 8.21
CA PRO A 199 7.22 11.66 8.20
C PRO A 199 7.91 12.50 7.13
N SER A 200 9.15 12.10 6.78
CA SER A 200 9.81 12.77 5.70
C SER A 200 9.07 12.52 4.39
N ILE A 201 8.63 11.29 4.13
CA ILE A 201 7.90 10.99 2.94
C ILE A 201 6.51 11.69 2.86
N SER A 202 6.01 12.11 4.04
CA SER A 202 4.70 12.66 4.16
C SER A 202 4.62 14.07 3.54
N LEU A 203 5.76 14.69 3.25
CA LEU A 203 5.77 15.94 2.49
C LEU A 203 5.20 15.79 1.10
N LEU A 204 5.19 14.58 0.51
CA LEU A 204 4.70 14.43 -0.87
C LEU A 204 3.24 14.75 -0.96
N ASN A 205 2.92 15.75 -1.79
CA ASN A 205 1.51 15.98 -2.14
C ASN A 205 1.06 15.00 -3.22
N HIS A 206 -0.26 14.90 -3.32
CA HIS A 206 -0.97 14.03 -4.28
C HIS A 206 -1.05 14.55 -5.71
N SER A 207 -0.96 13.66 -6.68
CA SER A 207 -1.36 14.01 -8.02
C SER A 207 -2.03 12.80 -8.63
N CYS A 208 -3.09 13.01 -9.42
CA CYS A 208 -3.75 11.89 -10.09
C CYS A 208 -2.98 11.45 -11.35
N ASP A 209 -1.89 12.17 -11.66
CA ASP A 209 -0.96 11.73 -12.71
C ASP A 209 0.48 12.11 -12.27
N PRO A 210 1.03 11.40 -11.28
CA PRO A 210 2.21 11.81 -10.55
C PRO A 210 3.54 11.66 -11.26
N ASN A 211 4.58 12.32 -10.75
CA ASN A 211 5.88 12.10 -11.33
C ASN A 211 6.78 11.17 -10.51
N CYS A 212 6.36 10.84 -9.28
CA CYS A 212 7.06 9.87 -8.46
C CYS A 212 6.16 8.73 -8.08
N SER A 213 6.80 7.67 -7.54
CA SER A 213 6.19 6.48 -7.06
C SER A 213 6.92 6.00 -5.82
N ILE A 214 6.17 5.42 -4.90
CA ILE A 214 6.67 4.65 -3.76
C ILE A 214 6.41 3.14 -3.86
N VAL A 215 7.38 2.38 -3.37
CA VAL A 215 7.28 0.94 -3.29
C VAL A 215 7.89 0.51 -1.98
N PHE A 216 7.41 -0.64 -1.52
CA PHE A 216 7.84 -1.15 -0.20
C PHE A 216 8.53 -2.48 -0.37
N ASN A 217 9.60 -2.65 0.42
CA ASN A 217 10.36 -3.91 0.59
C ASN A 217 10.32 -4.20 2.09
N GLY A 218 9.43 -5.07 2.50
CA GLY A 218 9.04 -5.12 3.88
C GLY A 218 8.62 -3.71 4.33
N PRO A 219 9.04 -3.27 5.54
CA PRO A 219 8.64 -1.93 6.04
C PRO A 219 9.41 -0.79 5.43
N HIS A 220 10.46 -1.11 4.69
CA HIS A 220 11.29 -0.12 4.09
C HIS A 220 10.70 0.52 2.81
N LEU A 221 10.72 1.85 2.76
CA LEU A 221 10.11 2.58 1.64
C LEU A 221 11.13 3.18 0.70
N LEU A 222 10.98 2.88 -0.61
CA LEU A 222 11.77 3.57 -1.70
C LEU A 222 10.91 4.57 -2.50
N LEU A 223 11.33 5.84 -2.55
CA LEU A 223 10.78 6.89 -3.39
C LEU A 223 11.63 7.07 -4.63
N ARG A 224 10.99 6.91 -5.81
CA ARG A 224 11.69 6.96 -7.11
C ARG A 224 10.97 7.91 -8.06
N ALA A 225 11.73 8.58 -8.91
CA ALA A 225 11.11 9.32 -10.03
C ALA A 225 10.58 8.35 -11.09
N VAL A 226 9.39 8.60 -11.65
CA VAL A 226 8.87 7.75 -12.76
C VAL A 226 8.68 8.53 -14.06
N ARG A 227 9.11 9.79 -14.00
CA ARG A 227 9.25 10.67 -15.18
C ARG A 227 10.49 11.54 -15.01
N ASP A 228 10.79 12.34 -16.04
CA ASP A 228 11.81 13.35 -15.94
C ASP A 228 11.26 14.48 -15.12
N ILE A 229 12.10 15.06 -14.30
CA ILE A 229 11.67 16.12 -13.43
C ILE A 229 12.71 17.20 -13.47
N GLU A 230 12.25 18.43 -13.60
CA GLU A 230 13.14 19.59 -13.59
C GLU A 230 13.46 20.11 -12.21
N VAL A 231 14.64 20.73 -12.08
CA VAL A 231 14.99 21.52 -10.91
C VAL A 231 13.79 22.39 -10.57
N GLY A 232 13.38 22.32 -9.28
CA GLY A 232 12.32 23.15 -8.75
C GLY A 232 10.92 22.59 -8.87
N GLU A 233 10.74 21.57 -9.70
CA GLU A 233 9.41 20.98 -9.89
C GLU A 233 8.94 20.16 -8.64
N GLU A 234 7.73 20.40 -8.17
CA GLU A 234 7.18 19.62 -7.06
C GLU A 234 7.16 18.14 -7.39
N LEU A 235 7.53 17.36 -6.38
CA LEU A 235 7.49 15.90 -6.43
C LEU A 235 6.13 15.47 -5.99
N THR A 236 5.51 14.57 -6.73
CA THR A 236 4.19 14.08 -6.36
C THR A 236 3.97 12.59 -6.51
N ILE A 237 3.02 12.04 -5.77
CA ILE A 237 2.71 10.64 -5.86
C ILE A 237 1.21 10.53 -5.86
N CYS A 238 0.68 9.40 -6.34
CA CYS A 238 -0.77 9.23 -6.32
C CYS A 238 -1.13 8.49 -5.03
N TYR A 239 -1.90 9.13 -4.18
CA TYR A 239 -2.26 8.59 -2.88
C TYR A 239 -3.25 7.41 -3.02
N LEU A 240 -3.88 7.31 -4.20
CA LEU A 240 -5.01 6.42 -4.40
C LEU A 240 -4.80 5.27 -5.41
N ASP A 241 -5.61 4.25 -5.27
CA ASP A 241 -5.75 3.21 -6.28
C ASP A 241 -6.05 3.83 -7.61
N MET A 242 -5.40 3.36 -8.66
CA MET A 242 -5.64 3.85 -10.01
C MET A 242 -7.00 3.41 -10.57
N LEU A 243 -7.56 2.33 -10.05
CA LEU A 243 -8.83 1.81 -10.54
C LEU A 243 -10.00 2.49 -9.80
N MET A 244 -10.17 3.78 -10.00
CA MET A 244 -11.18 4.60 -9.38
C MET A 244 -11.56 5.71 -10.36
N THR A 245 -12.83 6.14 -10.31
CA THR A 245 -13.32 7.20 -11.14
C THR A 245 -13.05 8.54 -10.47
N SER A 246 -13.17 9.64 -11.20
CA SER A 246 -12.89 10.95 -10.65
C SER A 246 -13.82 11.20 -9.47
N GLU A 247 -15.07 10.69 -9.53
CA GLU A 247 -16.01 10.87 -8.42
C GLU A 247 -15.53 10.12 -7.17
N GLU A 248 -15.02 8.92 -7.35
CA GLU A 248 -14.55 8.13 -6.24
C GLU A 248 -13.32 8.82 -5.68
N ARG A 249 -12.43 9.29 -6.53
CA ARG A 249 -11.28 10.03 -6.01
C ARG A 249 -11.72 11.26 -5.24
N ARG A 250 -12.70 11.99 -5.77
CA ARG A 250 -13.20 13.17 -5.09
C ARG A 250 -13.63 12.85 -3.69
N LYS A 251 -14.44 11.82 -3.53
CA LYS A 251 -14.95 11.47 -2.22
C LYS A 251 -13.82 11.18 -1.25
N GLN A 252 -12.84 10.42 -1.75
CA GLN A 252 -11.79 9.98 -0.91
C GLN A 252 -10.85 11.11 -0.56
N LEU A 253 -10.55 11.96 -1.53
CA LEU A 253 -9.65 13.08 -1.25
C LEU A 253 -10.33 14.11 -0.29
N ARG A 254 -11.62 14.26 -0.38
CA ARG A 254 -12.36 15.02 0.61
C ARG A 254 -12.33 14.44 2.02
N ASP A 255 -12.74 13.19 2.12
CA ASP A 255 -13.03 12.56 3.39
C ASP A 255 -11.81 12.30 4.24
N GLN A 256 -10.74 11.85 3.57
CA GLN A 256 -9.51 11.47 4.23
C GLN A 256 -8.47 12.60 4.23
N TYR A 257 -8.34 13.36 3.14
CA TYR A 257 -7.28 14.35 2.97
C TYR A 257 -7.72 15.82 2.96
N CYS A 258 -9.04 16.03 3.00
CA CYS A 258 -9.59 17.37 3.08
C CYS A 258 -9.07 18.26 1.99
N PHE A 259 -9.00 17.77 0.76
CA PHE A 259 -8.81 18.71 -0.36
C PHE A 259 -9.56 18.33 -1.62
N GLU A 260 -9.71 19.33 -2.50
CA GLU A 260 -10.41 19.24 -3.76
C GLU A 260 -9.35 19.24 -4.89
N CYS A 261 -9.42 18.31 -5.82
CA CYS A 261 -8.43 18.25 -6.91
C CYS A 261 -9.03 18.86 -8.15
N ASP A 262 -8.38 19.85 -8.76
CA ASP A 262 -8.84 20.34 -10.10
C ASP A 262 -7.77 20.08 -11.19
N CYS A 263 -6.98 19.02 -11.04
CA CYS A 263 -6.11 18.54 -12.12
C CYS A 263 -6.90 18.24 -13.37
N PHE A 264 -6.14 18.16 -14.46
CA PHE A 264 -6.69 17.89 -15.78
C PHE A 264 -7.57 16.65 -15.81
N ARG A 265 -7.09 15.57 -15.20
CA ARG A 265 -7.83 14.32 -15.16
C ARG A 265 -9.14 14.50 -14.42
N CYS A 266 -9.12 15.19 -13.30
CA CYS A 266 -10.38 15.35 -12.55
C CYS A 266 -11.35 16.31 -13.24
N GLN A 267 -10.84 17.37 -13.85
CA GLN A 267 -11.65 18.28 -14.68
C GLN A 267 -12.28 17.68 -15.89
N THR A 268 -11.59 16.72 -16.49
CA THR A 268 -12.13 16.09 -17.67
C THR A 268 -12.73 14.74 -17.42
N GLN A 269 -12.73 14.24 -16.19
CA GLN A 269 -13.23 12.91 -15.92
C GLN A 269 -12.46 11.88 -16.74
N ASP A 270 -11.16 12.09 -16.80
CA ASP A 270 -10.31 11.28 -17.66
C ASP A 270 -10.38 9.77 -17.35
N LYS A 271 -10.84 8.97 -18.31
CA LYS A 271 -10.99 7.50 -18.22
C LYS A 271 -12.26 7.01 -17.59
N ASP A 272 -13.02 7.94 -17.03
CA ASP A 272 -14.22 7.55 -16.27
C ASP A 272 -15.24 6.72 -17.07
N ALA A 273 -15.54 7.12 -18.32
CA ALA A 273 -16.53 6.37 -19.14
C ALA A 273 -16.05 4.96 -19.44
N ASP A 274 -14.80 4.79 -19.87
CA ASP A 274 -14.29 3.45 -20.08
C ASP A 274 -14.38 2.52 -18.83
N MET A 275 -13.99 3.05 -17.69
CA MET A 275 -14.04 2.35 -16.42
C MET A 275 -15.43 1.84 -16.05
N LEU A 276 -16.47 2.51 -16.55
CA LEU A 276 -17.79 2.12 -16.16
C LEU A 276 -18.58 1.55 -17.35
N THR A 277 -17.90 1.00 -18.34
CA THR A 277 -18.57 0.38 -19.44
C THR A 277 -19.30 -0.91 -19.03
N GLY A 278 -20.31 -1.31 -19.80
CA GLY A 278 -21.14 -2.44 -19.46
C GLY A 278 -22.40 -2.01 -18.73
N ASP A 279 -23.27 -2.97 -18.44
CA ASP A 279 -24.56 -2.65 -17.84
C ASP A 279 -24.44 -2.26 -16.36
N GLU A 280 -24.99 -1.10 -16.07
CA GLU A 280 -24.85 -0.50 -14.76
C GLU A 280 -25.39 -1.35 -13.63
N GLN A 281 -26.55 -1.97 -13.81
CA GLN A 281 -27.09 -2.81 -12.78
C GLN A 281 -26.14 -3.98 -12.48
N VAL A 282 -25.42 -4.48 -13.49
CA VAL A 282 -24.52 -5.57 -13.23
C VAL A 282 -23.32 -5.03 -12.45
N TRP A 283 -22.69 -3.96 -12.94
CA TRP A 283 -21.46 -3.51 -12.22
C TRP A 283 -21.76 -2.94 -10.84
N LYS A 284 -22.96 -2.45 -10.64
CA LYS A 284 -23.40 -2.07 -9.27
C LYS A 284 -23.33 -3.22 -8.30
N GLU A 285 -23.90 -4.34 -8.67
CA GLU A 285 -23.85 -5.52 -7.82
C GLU A 285 -22.42 -6.05 -7.71
N VAL A 286 -21.65 -6.00 -8.79
CA VAL A 286 -20.28 -6.49 -8.69
C VAL A 286 -19.52 -5.63 -7.68
N GLN A 287 -19.77 -4.33 -7.68
CA GLN A 287 -19.07 -3.42 -6.78
C GLN A 287 -19.50 -3.68 -5.33
N GLU A 288 -20.76 -4.02 -5.15
CA GLU A 288 -21.30 -4.44 -3.87
C GLU A 288 -20.57 -5.71 -3.46
N SER A 289 -20.64 -6.78 -4.25
CA SER A 289 -19.92 -8.01 -3.87
C SER A 289 -18.42 -7.86 -3.63
N LEU A 290 -17.76 -6.88 -4.26
CA LEU A 290 -16.33 -6.70 -4.05
C LEU A 290 -15.99 -6.33 -2.59
N LYS A 291 -16.88 -5.60 -1.91
CA LYS A 291 -16.71 -5.34 -0.45
C LYS A 291 -16.33 -6.59 0.30
N LYS A 292 -17.13 -7.62 0.11
CA LYS A 292 -16.90 -8.90 0.74
C LYS A 292 -15.66 -9.64 0.13
N ILE A 293 -15.56 -9.69 -1.19
CA ILE A 293 -14.42 -10.36 -1.82
C ILE A 293 -13.11 -9.72 -1.34
N GLU A 294 -13.10 -8.40 -1.30
CA GLU A 294 -11.89 -7.68 -0.85
C GLU A 294 -11.61 -7.88 0.65
N GLU A 295 -12.67 -8.03 1.45
CA GLU A 295 -12.50 -8.33 2.87
C GLU A 295 -11.89 -9.74 3.06
N LEU A 296 -12.53 -10.73 2.45
CA LEU A 296 -11.94 -12.06 2.40
C LEU A 296 -10.47 -12.08 1.95
N LYS A 297 -10.16 -11.31 0.92
CA LYS A 297 -8.81 -11.20 0.44
C LYS A 297 -7.88 -10.61 1.50
N ALA A 298 -8.25 -9.50 2.13
CA ALA A 298 -7.34 -8.89 3.12
C ALA A 298 -7.02 -9.89 4.24
N HIS A 299 -7.92 -10.86 4.45
CA HIS A 299 -7.71 -11.96 5.38
C HIS A 299 -7.13 -13.21 4.76
N TRP A 300 -6.58 -13.13 3.56
CA TRP A 300 -6.00 -14.27 2.84
C TRP A 300 -6.86 -15.53 2.66
N LYS A 301 -8.18 -15.38 2.58
CA LYS A 301 -9.09 -16.52 2.39
C LYS A 301 -9.33 -16.88 0.91
N TRP A 302 -8.31 -17.47 0.32
CA TRP A 302 -8.25 -17.60 -1.11
C TRP A 302 -9.35 -18.47 -1.72
N GLU A 303 -9.81 -19.53 -1.04
CA GLU A 303 -10.73 -20.44 -1.70
C GLU A 303 -12.05 -19.79 -1.76
N GLN A 304 -12.33 -18.98 -0.77
CA GLN A 304 -13.58 -18.26 -0.76
C GLN A 304 -13.58 -17.07 -1.73
N VAL A 305 -12.43 -16.43 -1.89
CA VAL A 305 -12.31 -15.33 -2.85
C VAL A 305 -12.63 -15.92 -4.24
N LEU A 306 -11.98 -17.01 -4.59
CA LEU A 306 -12.08 -17.63 -5.89
C LEU A 306 -13.50 -18.04 -6.25
N ALA A 307 -14.20 -18.56 -5.25
CA ALA A 307 -15.61 -19.03 -5.43
C ALA A 307 -16.46 -17.87 -5.77
N MET A 308 -16.33 -16.77 -5.05
CA MET A 308 -17.12 -15.59 -5.33
C MET A 308 -16.76 -14.94 -6.68
N CYS A 309 -15.47 -14.90 -7.00
CA CYS A 309 -15.04 -14.33 -8.30
C CYS A 309 -15.57 -15.14 -9.50
N GLN A 310 -15.53 -16.46 -9.39
CA GLN A 310 -16.00 -17.33 -10.45
C GLN A 310 -17.46 -17.16 -10.71
N ALA A 311 -18.24 -16.91 -9.67
CA ALA A 311 -19.67 -16.67 -9.85
C ALA A 311 -19.91 -15.35 -10.60
N ILE A 312 -18.93 -14.46 -10.64
CA ILE A 312 -19.07 -13.27 -11.46
C ILE A 312 -18.50 -13.51 -12.84
N ILE A 313 -17.28 -14.05 -12.88
CA ILE A 313 -16.56 -14.09 -14.15
C ILE A 313 -17.21 -15.02 -15.15
N SER A 314 -17.67 -16.16 -14.65
CA SER A 314 -18.30 -17.14 -15.47
C SER A 314 -19.76 -17.21 -15.13
N SER A 315 -20.42 -16.08 -14.92
CA SER A 315 -21.79 -16.07 -14.47
C SER A 315 -22.72 -16.58 -15.57
N ASN A 316 -23.83 -17.17 -15.14
CA ASN A 316 -24.85 -17.56 -16.09
C ASN A 316 -25.59 -16.34 -16.59
N SER A 317 -25.63 -15.29 -15.81
CA SER A 317 -26.35 -14.06 -16.14
C SER A 317 -25.34 -13.08 -16.71
N GLU A 318 -25.75 -11.83 -16.94
CA GLU A 318 -25.05 -10.90 -17.83
C GLU A 318 -23.70 -10.53 -17.31
N ARG A 319 -22.76 -10.38 -18.23
CA ARG A 319 -21.35 -10.17 -17.85
C ARG A 319 -20.83 -8.80 -18.21
N LEU A 320 -19.63 -8.45 -17.71
CA LEU A 320 -19.05 -7.10 -17.95
C LEU A 320 -17.79 -7.19 -18.79
N PRO A 321 -17.45 -6.11 -19.51
CA PRO A 321 -16.15 -6.05 -20.16
C PRO A 321 -15.01 -5.99 -19.15
N ASP A 322 -13.82 -6.48 -19.52
CA ASP A 322 -12.72 -6.60 -18.62
C ASP A 322 -12.12 -5.25 -18.29
N ILE A 323 -12.40 -4.27 -19.11
CA ILE A 323 -12.00 -2.93 -18.83
C ILE A 323 -12.83 -2.20 -17.78
N ASN A 324 -14.03 -2.70 -17.48
CA ASN A 324 -14.79 -2.19 -16.35
C ASN A 324 -14.00 -2.45 -15.03
N ILE A 325 -13.83 -1.41 -14.23
CA ILE A 325 -12.94 -1.48 -13.06
C ILE A 325 -13.36 -2.51 -12.01
N TYR A 326 -14.65 -2.66 -11.82
CA TYR A 326 -15.15 -3.67 -10.88
C TYR A 326 -14.93 -5.08 -11.41
N GLN A 327 -15.20 -5.30 -12.69
CA GLN A 327 -14.90 -6.56 -13.31
C GLN A 327 -13.39 -6.82 -13.20
N LEU A 328 -12.61 -5.77 -13.41
CA LEU A 328 -11.15 -5.88 -13.47
C LEU A 328 -10.64 -6.28 -12.11
N LYS A 329 -11.23 -5.73 -11.07
CA LYS A 329 -10.74 -5.96 -9.72
C LYS A 329 -11.13 -7.39 -9.36
N VAL A 330 -12.26 -7.86 -9.86
CA VAL A 330 -12.63 -9.27 -9.72
C VAL A 330 -11.64 -10.24 -10.37
N LEU A 331 -11.23 -9.94 -11.59
CA LEU A 331 -10.26 -10.74 -12.27
C LEU A 331 -8.94 -10.77 -11.54
N ASP A 332 -8.54 -9.63 -10.98
CA ASP A 332 -7.28 -9.58 -10.26
CA ASP A 332 -7.29 -9.49 -10.18
C ASP A 332 -7.30 -10.43 -8.99
N CYS A 333 -8.34 -10.29 -8.17
CA CYS A 333 -8.53 -11.13 -7.02
C CYS A 333 -8.59 -12.62 -7.39
N ALA A 334 -9.20 -12.95 -8.54
CA ALA A 334 -9.27 -14.36 -8.92
C ALA A 334 -7.91 -14.86 -9.30
N MET A 335 -7.18 -14.05 -10.03
CA MET A 335 -5.81 -14.39 -10.39
C MET A 335 -4.98 -14.69 -9.12
N ASP A 336 -5.03 -13.78 -8.15
CA ASP A 336 -4.22 -13.91 -6.94
C ASP A 336 -4.66 -15.15 -6.13
N ALA A 337 -5.96 -15.34 -5.98
CA ALA A 337 -6.46 -16.56 -5.40
C ALA A 337 -5.84 -17.79 -6.08
N CYS A 338 -5.96 -17.90 -7.39
CA CYS A 338 -5.43 -19.08 -8.10
C CYS A 338 -3.93 -19.29 -7.90
N ILE A 339 -3.19 -18.20 -7.92
CA ILE A 339 -1.75 -18.31 -7.67
C ILE A 339 -1.52 -18.99 -6.30
N ASN A 340 -2.08 -18.40 -5.27
CA ASN A 340 -1.93 -18.90 -3.92
C ASN A 340 -2.55 -20.25 -3.65
N LEU A 341 -3.46 -20.71 -4.49
CA LEU A 341 -3.99 -22.08 -4.41
C LEU A 341 -3.30 -23.02 -5.40
N GLY A 342 -2.18 -22.62 -6.00
CA GLY A 342 -1.56 -23.40 -7.08
C GLY A 342 -2.38 -23.79 -8.32
N LEU A 343 -3.51 -23.16 -8.59
CA LEU A 343 -4.24 -23.43 -9.84
C LEU A 343 -3.66 -22.57 -10.98
N LEU A 344 -2.50 -22.94 -11.50
CA LEU A 344 -1.71 -22.01 -12.29
C LEU A 344 -2.30 -21.71 -13.70
N GLU A 345 -2.97 -22.68 -14.32
CA GLU A 345 -3.52 -22.47 -15.67
C GLU A 345 -4.69 -21.49 -15.56
N GLU A 346 -5.49 -21.67 -14.54
CA GLU A 346 -6.59 -20.78 -14.35
C GLU A 346 -6.13 -19.37 -13.89
N ALA A 347 -5.10 -19.28 -13.07
CA ALA A 347 -4.49 -18.00 -12.73
C ALA A 347 -4.08 -17.25 -13.99
N LEU A 348 -3.47 -17.97 -14.93
CA LEU A 348 -2.95 -17.33 -16.14
C LEU A 348 -4.11 -16.84 -16.97
N PHE A 349 -5.18 -17.59 -17.00
CA PHE A 349 -6.31 -17.16 -17.78
C PHE A 349 -6.80 -15.78 -17.29
N TYR A 350 -7.02 -15.61 -16.00
CA TYR A 350 -7.43 -14.32 -15.49
C TYR A 350 -6.36 -13.26 -15.63
N GLY A 351 -5.13 -13.61 -15.32
CA GLY A 351 -4.02 -12.68 -15.44
C GLY A 351 -3.86 -12.10 -16.85
N THR A 352 -3.97 -12.94 -17.87
CA THR A 352 -3.70 -12.40 -19.20
CA THR A 352 -3.73 -12.44 -19.18
C THR A 352 -4.79 -11.42 -19.58
N ARG A 353 -6.00 -11.66 -19.14
CA ARG A 353 -7.14 -10.80 -19.37
C ARG A 353 -6.97 -9.43 -18.70
N THR A 354 -6.22 -9.37 -17.61
CA THR A 354 -5.98 -8.05 -16.98
C THR A 354 -5.01 -7.22 -17.78
N MET A 355 -4.30 -7.82 -18.75
CA MET A 355 -3.07 -7.21 -19.23
C MET A 355 -3.40 -5.89 -19.93
N GLU A 356 -4.40 -5.93 -20.81
CA GLU A 356 -4.66 -4.76 -21.61
C GLU A 356 -5.32 -3.64 -20.77
N PRO A 357 -6.32 -3.98 -19.97
CA PRO A 357 -6.77 -2.91 -19.08
C PRO A 357 -5.64 -2.27 -18.21
N TYR A 358 -4.73 -3.08 -17.71
CA TYR A 358 -3.68 -2.58 -16.84
C TYR A 358 -2.78 -1.65 -17.65
N ARG A 359 -2.62 -1.95 -18.93
CA ARG A 359 -1.81 -1.11 -19.80
C ARG A 359 -2.44 0.28 -19.86
N ILE A 360 -3.76 0.30 -19.93
CA ILE A 360 -4.51 1.55 -20.07
C ILE A 360 -4.61 2.33 -18.77
N PHE A 361 -4.95 1.66 -17.68
CA PHE A 361 -5.22 2.32 -16.41
C PHE A 361 -3.98 2.60 -15.56
N PHE A 362 -2.81 2.09 -15.96
CA PHE A 362 -1.59 2.35 -15.27
C PHE A 362 -0.54 2.89 -16.24
N PRO A 363 -0.73 4.11 -16.76
CA PRO A 363 0.15 4.58 -17.79
C PRO A 363 1.59 4.88 -17.32
N GLY A 364 2.50 4.89 -18.28
CA GLY A 364 3.89 5.14 -17.93
C GLY A 364 4.43 4.01 -17.11
N SER A 365 5.14 4.33 -16.02
CA SER A 365 5.73 3.31 -15.19
C SER A 365 5.07 3.31 -13.81
N HIS A 366 4.41 2.21 -13.49
CA HIS A 366 3.64 2.06 -12.24
C HIS A 366 3.94 0.68 -11.67
N PRO A 367 4.38 0.60 -10.38
CA PRO A 367 4.78 -0.64 -9.79
C PRO A 367 3.70 -1.70 -9.79
N VAL A 368 2.42 -1.28 -9.71
CA VAL A 368 1.36 -2.27 -9.74
C VAL A 368 1.29 -2.98 -11.08
N ARG A 369 1.46 -2.25 -12.19
CA ARG A 369 1.50 -2.88 -13.47
C ARG A 369 2.79 -3.72 -13.60
N GLY A 370 3.93 -3.21 -13.12
CA GLY A 370 5.21 -3.97 -13.25
C GLY A 370 5.01 -5.35 -12.66
N VAL A 371 4.50 -5.36 -11.43
CA VAL A 371 4.28 -6.63 -10.72
C VAL A 371 3.26 -7.57 -11.37
N GLN A 372 2.18 -7.02 -11.94
CA GLN A 372 1.16 -7.87 -12.54
C GLN A 372 1.72 -8.52 -13.78
N VAL A 373 2.52 -7.76 -14.53
CA VAL A 373 3.11 -8.28 -15.75
C VAL A 373 4.15 -9.38 -15.41
N MET A 374 4.90 -9.20 -14.34
CA MET A 374 5.82 -10.24 -13.87
C MET A 374 5.09 -11.49 -13.48
N LYS A 375 3.98 -11.30 -12.78
CA LYS A 375 3.22 -12.42 -12.36
C LYS A 375 2.76 -13.23 -13.56
N VAL A 376 2.16 -12.58 -14.56
CA VAL A 376 1.70 -13.30 -15.77
C VAL A 376 2.87 -13.96 -16.52
N GLY A 377 3.93 -13.21 -16.73
CA GLY A 377 5.14 -13.75 -17.32
C GLY A 377 5.69 -14.93 -16.56
N LYS A 378 5.67 -14.86 -15.23
CA LYS A 378 6.12 -15.99 -14.41
C LYS A 378 5.25 -17.23 -14.65
N LEU A 379 3.92 -17.07 -14.70
CA LEU A 379 3.00 -18.18 -14.93
C LEU A 379 3.24 -18.82 -16.31
N GLN A 380 3.45 -18.01 -17.31
CA GLN A 380 3.69 -18.51 -18.63
C GLN A 380 5.00 -19.32 -18.59
N LEU A 381 6.02 -18.74 -17.96
CA LEU A 381 7.35 -19.34 -17.96
C LEU A 381 7.27 -20.76 -17.48
N HIS A 382 6.50 -20.98 -16.44
CA HIS A 382 6.39 -22.31 -15.86
C HIS A 382 5.29 -23.14 -16.52
N GLN A 383 4.85 -22.74 -17.70
CA GLN A 383 4.02 -23.61 -18.53
C GLN A 383 4.69 -23.78 -19.88
N GLY A 384 5.96 -23.42 -19.95
CA GLY A 384 6.75 -23.60 -21.15
C GLY A 384 6.46 -22.64 -22.30
N MET A 385 5.72 -21.59 -22.01
CA MET A 385 5.37 -20.60 -22.99
C MET A 385 6.49 -19.54 -23.11
N PHE A 386 7.66 -19.95 -23.61
CA PHE A 386 8.86 -19.13 -23.40
C PHE A 386 8.87 -17.83 -24.15
N PRO A 387 8.44 -17.84 -25.40
CA PRO A 387 8.50 -16.59 -26.11
C PRO A 387 7.52 -15.56 -25.53
N GLN A 388 6.32 -15.98 -25.13
CA GLN A 388 5.38 -15.04 -24.52
C GLN A 388 5.84 -14.63 -23.10
N ALA A 389 6.48 -15.54 -22.37
CA ALA A 389 7.02 -15.23 -21.05
C ALA A 389 8.08 -14.18 -21.13
N MET A 390 9.03 -14.40 -22.04
CA MET A 390 10.20 -13.57 -22.14
C MET A 390 9.76 -12.18 -22.47
N LYS A 391 8.79 -12.09 -23.38
CA LYS A 391 8.14 -10.82 -23.75
C LYS A 391 7.64 -10.05 -22.51
N ASN A 392 6.88 -10.75 -21.68
CA ASN A 392 6.31 -10.17 -20.47
C ASN A 392 7.35 -9.90 -19.40
N LEU A 393 8.27 -10.81 -19.19
CA LEU A 393 9.34 -10.54 -18.25
C LEU A 393 10.19 -9.33 -18.65
N ARG A 394 10.45 -9.10 -19.94
CA ARG A 394 11.20 -7.94 -20.31
C ARG A 394 10.44 -6.66 -20.05
N LEU A 395 9.15 -6.70 -20.38
CA LEU A 395 8.22 -5.59 -20.10
C LEU A 395 8.17 -5.31 -18.59
N ALA A 396 7.95 -6.33 -17.80
CA ALA A 396 8.02 -6.13 -16.34
C ALA A 396 9.34 -5.50 -15.92
N PHE A 397 10.44 -5.92 -16.52
CA PHE A 397 11.74 -5.34 -16.14
C PHE A 397 11.85 -3.89 -16.56
N ASP A 398 11.31 -3.57 -17.71
CA ASP A 398 11.32 -2.21 -18.19
C ASP A 398 10.50 -1.29 -17.28
N ILE A 399 9.40 -1.78 -16.72
CA ILE A 399 8.63 -1.02 -15.70
C ILE A 399 9.38 -1.00 -14.36
N MET A 400 9.80 -2.16 -13.92
CA MET A 400 10.29 -2.29 -12.52
C MET A 400 11.69 -1.81 -12.30
N ARG A 401 12.49 -1.74 -13.37
CA ARG A 401 13.77 -1.05 -13.28
C ARG A 401 13.52 0.43 -12.93
N VAL A 402 12.43 1.00 -13.39
CA VAL A 402 12.04 2.36 -12.99
C VAL A 402 11.39 2.46 -11.60
N THR A 403 10.46 1.55 -11.34
CA THR A 403 9.60 1.66 -10.18
C THR A 403 10.18 1.04 -8.89
N HIS A 404 10.96 -0.02 -9.04
CA HIS A 404 11.56 -0.74 -7.92
C HIS A 404 13.07 -0.49 -7.84
N GLY A 405 13.76 -0.69 -8.94
CA GLY A 405 15.18 -0.37 -9.01
C GLY A 405 16.03 -1.44 -8.33
N ARG A 406 17.34 -1.29 -8.44
CA ARG A 406 18.26 -2.34 -7.93
C ARG A 406 18.23 -2.50 -6.40
N GLU A 407 17.80 -1.47 -5.66
CA GLU A 407 17.66 -1.52 -4.18
C GLU A 407 16.51 -2.39 -3.63
N HIS A 408 15.62 -2.80 -4.53
CA HIS A 408 14.48 -3.61 -4.15
C HIS A 408 14.75 -5.04 -4.58
N SER A 409 14.65 -5.95 -3.62
CA SER A 409 15.04 -7.32 -3.83
C SER A 409 14.22 -8.03 -4.89
N LEU A 410 12.96 -7.66 -5.09
CA LEU A 410 12.12 -8.27 -6.15
C LEU A 410 12.74 -8.18 -7.54
N ILE A 411 13.46 -7.10 -7.80
CA ILE A 411 14.14 -6.95 -9.07
C ILE A 411 15.17 -8.05 -9.29
N GLU A 412 15.81 -8.52 -8.22
CA GLU A 412 16.72 -9.64 -8.30
C GLU A 412 15.95 -10.89 -8.70
N ASP A 413 14.79 -11.13 -8.09
CA ASP A 413 14.00 -12.28 -8.50
C ASP A 413 13.61 -12.25 -9.97
N LEU A 414 13.35 -11.06 -10.50
CA LEU A 414 12.91 -10.94 -11.88
C LEU A 414 14.10 -11.29 -12.78
N ILE A 415 15.26 -10.78 -12.38
CA ILE A 415 16.50 -11.06 -13.08
C ILE A 415 16.77 -12.56 -13.23
N LEU A 416 16.53 -13.32 -12.19
CA LEU A 416 16.63 -14.77 -12.26
C LEU A 416 15.61 -15.37 -13.23
N LEU A 417 14.37 -14.93 -13.17
CA LEU A 417 13.39 -15.34 -14.18
C LEU A 417 13.82 -14.96 -15.63
N LEU A 418 14.38 -13.77 -15.85
CA LEU A 418 14.83 -13.37 -17.17
C LEU A 418 15.96 -14.24 -17.70
N GLU A 419 16.95 -14.54 -16.83
CA GLU A 419 18.05 -15.41 -17.20
C GLU A 419 17.58 -16.82 -17.54
N GLU A 420 16.65 -17.34 -16.74
CA GLU A 420 15.99 -18.66 -16.95
C GLU A 420 15.31 -18.64 -18.32
N CYS A 421 14.33 -17.75 -18.51
CA CYS A 421 13.59 -17.67 -19.80
C CYS A 421 14.55 -17.57 -21.02
N ASP A 422 15.57 -16.71 -20.90
CA ASP A 422 16.63 -16.53 -21.92
C ASP A 422 17.42 -17.82 -22.19
N ALA A 423 17.75 -18.57 -21.15
CA ALA A 423 18.41 -19.88 -21.32
C ALA A 423 17.58 -20.76 -22.26
N ASN A 424 16.29 -20.86 -21.96
CA ASN A 424 15.33 -21.68 -22.71
C ASN A 424 15.31 -21.36 -24.19
N ILE A 425 15.18 -20.06 -24.47
CA ILE A 425 15.11 -19.54 -25.84
C ILE A 425 16.43 -19.90 -26.54
N ARG A 426 17.54 -19.37 -26.01
CA ARG A 426 18.92 -19.68 -26.50
C ARG A 426 19.08 -21.10 -27.04
N ALA A 427 18.63 -22.09 -26.26
CA ALA A 427 18.72 -23.52 -26.57
C ALA A 427 17.68 -24.04 -27.60
N SER A 428 16.51 -23.40 -27.64
CA SER A 428 15.39 -23.91 -28.41
C SER A 428 15.63 -23.93 -29.93
#